data_3OCO
#
_entry.id   3OCO
#
_cell.length_a   44.454
_cell.length_b   93.556
_cell.length_c   92.061
_cell.angle_alpha   90.00
_cell.angle_beta   102.93
_cell.angle_gamma   90.00
#
_symmetry.space_group_name_H-M   'C 1 2 1'
#
loop_
_entity.id
_entity.type
_entity.pdbx_description
1 polymer 'Hemolysin-like protein containing CBS domains'
2 water water
#
_entity_poly.entity_id   1
_entity_poly.type   'polypeptide(L)'
_entity_poly.pdbx_seq_one_letter_code
;SNADEEDANF(MSE)QRAFE(MSE)NDKVASDV(MSE)VDRTS(MSE)SVVDVDETIADALLLYLEEQYSRFPVTADNDK
DKIIGYAYNYDIVRQARIDDKAKISTI(MSE)RDIVSVPEN(MSE)KVPDV(MSE)EE(MSE)SAHRVP(MSE)AIVIDE
YGGTSGIITDKDVYEELFGNLRDEQDDED
;
_entity_poly.pdbx_strand_id   A,B
#
# COMPACT_ATOMS: atom_id res chain seq x y z
N ALA A 8 -17.12 -17.24 6.09
CA ALA A 8 -16.12 -18.07 5.42
C ALA A 8 -15.66 -17.45 4.11
N ASN A 9 -16.56 -17.41 3.13
CA ASN A 9 -16.24 -16.87 1.81
C ASN A 9 -16.21 -15.35 1.76
N PHE A 10 -15.85 -14.82 0.59
CA PHE A 10 -15.72 -13.38 0.40
C PHE A 10 -17.05 -12.63 0.47
N GLN A 12 -19.61 -13.05 2.03
CA GLN A 12 -20.12 -12.96 3.40
C GLN A 12 -19.31 -12.01 4.26
N ARG A 13 -17.99 -12.10 4.09
CA ARG A 13 -17.09 -11.15 4.73
C ARG A 13 -17.48 -9.75 4.26
N ALA A 14 -17.82 -9.62 2.99
CA ALA A 14 -18.34 -8.35 2.47
C ALA A 14 -19.61 -7.90 3.19
N PHE A 15 -20.59 -8.80 3.33
CA PHE A 15 -21.82 -8.48 4.04
C PHE A 15 -21.57 -8.05 5.50
N GLU A 16 -20.74 -8.81 6.21
CA GLU A 16 -20.46 -8.50 7.62
C GLU A 16 -19.89 -7.11 7.73
N ASN A 18 -20.11 -4.73 5.80
CA ASN A 18 -21.02 -3.68 5.34
C ASN A 18 -21.73 -3.04 6.52
N ASP A 19 -21.85 -3.79 7.61
CA ASP A 19 -22.65 -3.36 8.75
C ASP A 19 -21.78 -2.87 9.90
N LYS A 20 -20.48 -3.08 9.80
CA LYS A 20 -19.54 -2.68 10.84
C LYS A 20 -19.33 -1.17 10.87
N VAL A 21 -18.75 -0.69 11.96
CA VAL A 21 -18.44 0.74 12.07
C VAL A 21 -16.94 1.01 12.23
N ALA A 22 -16.58 2.27 12.15
CA ALA A 22 -15.19 2.70 12.24
C ALA A 22 -14.39 2.03 13.37
N SER A 23 -14.97 1.94 14.55
CA SER A 23 -14.26 1.41 15.72
C SER A 23 -13.97 -0.09 15.68
N ASP A 24 -14.64 -0.81 14.78
CA ASP A 24 -14.44 -2.25 14.65
C ASP A 24 -13.19 -2.60 13.82
N VAL A 25 -12.77 -1.66 12.98
CA VAL A 25 -11.83 -1.92 11.90
C VAL A 25 -10.52 -1.17 12.10
N VAL A 27 -7.11 0.84 13.48
CA VAL A 27 -5.91 0.60 14.25
C VAL A 27 -6.06 1.52 15.44
N ASP A 28 -6.10 0.96 16.64
CA ASP A 28 -6.46 1.76 17.81
C ASP A 28 -5.34 2.70 18.24
N ARG A 29 -5.70 3.76 18.95
CA ARG A 29 -4.76 4.83 19.27
C ARG A 29 -3.48 4.29 19.88
N THR A 30 -3.59 3.23 20.68
CA THR A 30 -2.43 2.72 21.40
C THR A 30 -1.45 1.97 20.51
N SER A 31 -1.92 1.56 19.33
CA SER A 31 -1.06 0.85 18.37
C SER A 31 -0.48 1.73 17.26
N SER A 33 1.68 4.54 15.17
CA SER A 33 2.98 5.23 15.14
C SER A 33 2.80 6.55 14.42
N VAL A 34 3.18 7.64 15.09
CA VAL A 34 3.03 8.96 14.53
C VAL A 34 4.36 9.69 14.37
N VAL A 35 4.36 10.73 13.54
CA VAL A 35 5.46 11.69 13.53
C VAL A 35 4.89 13.10 13.81
N ASP A 36 5.74 13.99 14.29
CA ASP A 36 5.30 15.32 14.69
C ASP A 36 5.55 16.37 13.59
N VAL A 37 4.67 17.37 13.50
CA VAL A 37 4.77 18.40 12.47
C VAL A 37 6.13 19.14 12.51
N ASP A 38 6.81 19.07 13.64
CA ASP A 38 8.09 19.77 13.80
C ASP A 38 9.30 18.84 13.76
N GLU A 39 9.08 17.57 13.49
CA GLU A 39 10.21 16.68 13.27
C GLU A 39 10.72 16.89 11.86
N THR A 40 11.98 16.56 11.64
CA THR A 40 12.59 16.72 10.33
C THR A 40 12.35 15.50 9.47
N ILE A 41 12.52 15.66 8.16
CA ILE A 41 12.35 14.57 7.25
C ILE A 41 13.30 13.46 7.65
N ALA A 42 14.52 13.82 7.97
CA ALA A 42 15.52 12.84 8.37
C ALA A 42 15.03 11.97 9.51
N ASP A 43 14.19 12.53 10.38
CA ASP A 43 13.59 11.79 11.49
C ASP A 43 12.55 10.80 10.97
N ALA A 44 11.66 11.32 10.14
CA ALA A 44 10.66 10.50 9.50
C ALA A 44 11.30 9.32 8.72
N LEU A 45 12.36 9.58 7.98
CA LEU A 45 13.04 8.55 7.20
C LEU A 45 13.47 7.39 8.08
N LEU A 46 14.18 7.69 9.17
CA LEU A 46 14.62 6.66 10.11
C LEU A 46 13.46 5.91 10.75
N LEU A 47 12.35 6.60 10.95
CA LEU A 47 11.19 5.92 11.51
C LEU A 47 10.64 4.90 10.50
N TYR A 48 10.46 5.34 9.26
CA TYR A 48 9.95 4.46 8.21
C TYR A 48 10.81 3.20 8.12
N LEU A 49 12.12 3.38 8.08
CA LEU A 49 13.07 2.28 7.90
C LEU A 49 12.99 1.27 9.04
N GLU A 50 12.54 1.75 10.18
CA GLU A 50 12.41 0.91 11.36
C GLU A 50 11.05 0.22 11.46
N GLU A 51 9.98 0.88 10.98
CA GLU A 51 8.63 0.38 11.18
C GLU A 51 7.85 0.04 9.89
N GLN A 52 8.39 0.46 8.73
CA GLN A 52 7.82 0.09 7.43
C GLN A 52 6.48 0.69 7.01
N TYR A 53 5.65 1.12 7.95
CA TYR A 53 4.34 1.65 7.54
C TYR A 53 4.55 2.66 6.43
N SER A 54 3.65 2.72 5.48
CA SER A 54 3.87 3.65 4.38
C SER A 54 3.27 5.03 4.66
N ARG A 55 2.37 5.10 5.63
CA ARG A 55 1.74 6.37 6.01
C ARG A 55 1.75 6.59 7.50
N PHE A 56 2.25 7.74 7.93
CA PHE A 56 2.30 8.10 9.34
C PHE A 56 1.44 9.32 9.61
N PRO A 57 0.46 9.15 10.50
CA PRO A 57 -0.26 10.29 11.06
C PRO A 57 0.72 11.30 11.63
N VAL A 58 0.50 12.56 11.30
CA VAL A 58 1.32 13.63 11.87
CA VAL A 58 1.29 13.67 11.82
C VAL A 58 0.56 14.36 12.99
N THR A 59 1.20 14.45 14.16
CA THR A 59 0.60 15.10 15.32
C THR A 59 1.01 16.57 15.42
N ALA A 60 0.14 17.38 15.99
CA ALA A 60 0.52 18.72 16.44
C ALA A 60 0.97 18.62 17.89
N ASP A 61 2.00 19.39 18.25
CA ASP A 61 2.37 19.51 19.66
C ASP A 61 2.73 18.17 20.29
N ASN A 62 3.13 17.21 19.46
CA ASN A 62 3.49 15.87 19.91
C ASN A 62 2.35 15.17 20.64
N ASP A 63 1.13 15.55 20.31
CA ASP A 63 -0.05 15.02 20.97
C ASP A 63 -0.78 14.05 20.04
N LYS A 64 -0.86 12.78 20.41
CA LYS A 64 -1.61 11.82 19.57
C LYS A 64 -3.04 12.28 19.32
N ASP A 65 -3.61 13.05 20.24
CA ASP A 65 -5.00 13.49 20.12
C ASP A 65 -5.16 14.70 19.20
N LYS A 66 -4.04 15.18 18.66
CA LYS A 66 -4.02 16.27 17.69
C LYS A 66 -3.41 15.87 16.33
N ILE A 67 -4.01 14.90 15.64
CA ILE A 67 -3.57 14.53 14.29
C ILE A 67 -4.00 15.56 13.25
N ILE A 68 -3.05 16.21 12.60
CA ILE A 68 -3.38 17.25 11.63
C ILE A 68 -3.29 16.79 10.15
N GLY A 69 -2.72 15.61 9.93
CA GLY A 69 -2.57 15.06 8.58
C GLY A 69 -1.74 13.79 8.54
N TYR A 70 -1.22 13.42 7.37
CA TYR A 70 -0.31 12.27 7.31
C TYR A 70 0.90 12.56 6.48
N ALA A 71 1.98 11.81 6.77
CA ALA A 71 3.19 11.81 5.93
C ALA A 71 3.39 10.48 5.17
N TYR A 72 3.66 10.60 3.88
CA TYR A 72 3.73 9.48 2.94
C TYR A 72 5.18 9.01 2.75
N ASN A 73 5.45 7.72 2.94
CA ASN A 73 6.83 7.20 2.80
C ASN A 73 7.56 7.70 1.53
N TYR A 74 6.91 7.59 0.38
CA TYR A 74 7.44 8.14 -0.87
C TYR A 74 7.95 9.57 -0.72
N ASP A 75 7.15 10.41 -0.06
CA ASP A 75 7.45 11.83 0.11
C ASP A 75 8.67 12.03 0.97
N ILE A 76 8.74 11.26 2.04
CA ILE A 76 9.90 11.20 2.93
C ILE A 76 11.19 10.78 2.22
N VAL A 77 11.19 9.64 1.52
CA VAL A 77 12.46 9.21 0.95
C VAL A 77 12.90 10.15 -0.17
N ARG A 78 11.94 10.65 -0.93
CA ARG A 78 12.26 11.62 -1.97
C ARG A 78 12.86 12.90 -1.42
N GLN A 79 12.23 13.47 -0.39
CA GLN A 79 12.71 14.76 0.14
C GLN A 79 14.05 14.67 0.89
N ALA A 80 14.28 13.54 1.58
CA ALA A 80 15.56 13.30 2.27
C ALA A 80 16.77 13.44 1.35
N ARG A 81 16.62 13.00 0.10
CA ARG A 81 17.66 13.15 -0.89
C ARG A 81 17.87 14.62 -1.21
N ILE A 82 16.84 15.43 -1.01
CA ILE A 82 16.96 16.85 -1.35
C ILE A 82 17.41 17.69 -0.16
N ASP A 83 16.67 17.61 0.94
CA ASP A 83 17.01 18.37 2.14
C ASP A 83 16.32 17.77 3.34
N ASP A 84 17.01 16.88 4.04
CA ASP A 84 16.41 16.11 5.13
C ASP A 84 16.22 16.90 6.42
N LYS A 85 16.52 18.19 6.39
CA LYS A 85 16.35 19.03 7.57
C LYS A 85 15.00 19.73 7.54
N ALA A 86 14.35 19.71 6.37
CA ALA A 86 13.02 20.27 6.27
C ALA A 86 12.07 19.55 7.22
N LYS A 87 11.03 20.25 7.65
CA LYS A 87 10.10 19.76 8.67
C LYS A 87 8.99 18.98 8.01
N ILE A 88 8.41 18.03 8.75
CA ILE A 88 7.34 17.21 8.20
C ILE A 88 6.26 18.09 7.57
N SER A 89 5.98 19.24 8.17
CA SER A 89 4.94 20.13 7.66
C SER A 89 5.12 20.48 6.19
N THR A 90 6.35 20.44 5.71
CA THR A 90 6.57 20.76 4.31
C THR A 90 6.06 19.65 3.37
N ILE A 91 5.96 18.41 3.85
CA ILE A 91 5.39 17.31 3.03
C ILE A 91 3.98 16.83 3.43
N ARG A 93 0.19 15.82 4.17
CA ARG A 93 -1.02 15.97 3.37
C ARG A 93 -2.27 15.64 4.18
N ASP A 94 -3.43 16.03 3.66
CA ASP A 94 -4.70 16.06 4.42
C ASP A 94 -5.25 14.70 4.83
N ILE A 95 -6.06 14.71 5.89
CA ILE A 95 -6.82 13.53 6.23
C ILE A 95 -8.28 13.89 6.32
N VAL A 96 -9.10 12.89 6.58
CA VAL A 96 -10.50 13.14 6.93
C VAL A 96 -10.78 12.50 8.29
N SER A 97 -11.61 13.16 9.09
CA SER A 97 -11.94 12.60 10.39
C SER A 97 -13.37 12.09 10.37
N VAL A 98 -13.61 11.02 11.13
CA VAL A 98 -14.92 10.39 11.15
C VAL A 98 -15.18 9.91 12.57
N PRO A 99 -16.48 9.87 12.99
CA PRO A 99 -16.86 9.41 14.33
C PRO A 99 -16.75 7.90 14.48
N GLU A 100 -16.53 7.42 15.71
CA GLU A 100 -16.41 5.98 15.97
C GLU A 100 -17.54 5.15 15.39
N ASN A 101 -18.72 5.75 15.26
CA ASN A 101 -19.89 4.99 14.87
C ASN A 101 -20.23 5.03 13.37
N LYS A 103 -20.57 3.94 9.74
CA LYS A 103 -20.53 2.64 9.07
C LYS A 103 -19.36 2.62 8.10
N VAL A 104 -18.65 1.50 8.07
CA VAL A 104 -17.44 1.38 7.29
C VAL A 104 -17.54 1.94 5.86
N PRO A 105 -18.54 1.51 5.08
CA PRO A 105 -18.63 2.04 3.70
C PRO A 105 -18.77 3.55 3.66
N ASP A 106 -19.41 4.14 4.67
CA ASP A 106 -19.58 5.57 4.74
C ASP A 106 -18.26 6.29 5.01
N VAL A 107 -17.38 5.63 5.77
CA VAL A 107 -16.04 6.16 5.94
C VAL A 107 -15.26 6.03 4.62
N GLU A 109 -16.33 6.12 1.68
CA GLU A 109 -16.82 7.17 0.79
C GLU A 109 -16.42 8.57 1.25
N GLU A 110 -16.22 8.72 2.56
CA GLU A 110 -15.72 9.98 3.05
C GLU A 110 -14.27 10.16 2.59
N SER A 112 -13.08 8.99 0.04
CA SER A 112 -13.06 9.18 -1.40
C SER A 112 -13.49 10.60 -1.78
N ALA A 113 -14.52 11.11 -1.12
CA ALA A 113 -15.04 12.43 -1.47
C ALA A 113 -13.99 13.48 -1.17
N HIS A 114 -13.22 13.24 -0.10
CA HIS A 114 -12.19 14.17 0.38
C HIS A 114 -10.82 13.85 -0.23
N ARG A 115 -10.76 12.74 -0.97
CA ARG A 115 -9.54 12.27 -1.64
C ARG A 115 -8.37 12.10 -0.70
N VAL A 116 -8.60 11.37 0.39
CA VAL A 116 -7.53 11.06 1.32
C VAL A 116 -7.43 9.55 1.46
N PRO A 117 -6.23 9.02 1.76
CA PRO A 117 -6.12 7.58 2.00
C PRO A 117 -6.13 7.30 3.50
N ALA A 119 -8.36 8.01 7.16
CA ALA A 119 -9.42 8.54 7.99
C ALA A 119 -8.95 8.46 9.43
N ILE A 120 -9.22 9.50 10.21
CA ILE A 120 -8.88 9.48 11.61
C ILE A 120 -10.18 9.30 12.38
N VAL A 121 -10.24 8.24 13.20
CA VAL A 121 -11.44 7.97 13.99
C VAL A 121 -11.40 8.76 15.31
N ILE A 122 -12.39 9.63 15.52
CA ILE A 122 -12.41 10.59 16.65
C ILE A 122 -13.42 10.23 17.72
N ASP A 123 -13.08 10.42 19.00
CA ASP A 123 -14.04 10.16 20.07
C ASP A 123 -15.01 11.33 20.29
N GLU A 124 -15.89 11.19 21.27
CA GLU A 124 -16.88 12.24 21.58
C GLU A 124 -16.23 13.56 22.00
N TYR A 125 -15.05 13.49 22.60
CA TYR A 125 -14.33 14.67 23.04
C TYR A 125 -13.45 15.25 21.95
N GLY A 126 -13.40 14.59 20.80
CA GLY A 126 -12.49 15.02 19.75
C GLY A 126 -11.05 14.58 19.97
N GLY A 127 -10.84 13.60 20.85
CA GLY A 127 -9.55 12.90 20.91
C GLY A 127 -9.46 11.88 19.78
N THR A 128 -8.35 11.13 19.71
CA THR A 128 -8.10 10.14 18.64
C THR A 128 -8.34 8.70 19.10
N SER A 129 -9.36 8.04 18.56
CA SER A 129 -9.64 6.64 18.88
C SER A 129 -8.75 5.67 18.10
N GLY A 130 -8.44 6.04 16.86
CA GLY A 130 -7.55 5.27 16.01
C GLY A 130 -7.66 5.75 14.58
N ILE A 131 -7.02 5.04 13.64
CA ILE A 131 -7.04 5.43 12.25
C ILE A 131 -7.44 4.27 11.34
N ILE A 132 -7.84 4.61 10.12
CA ILE A 132 -8.17 3.60 9.11
C ILE A 132 -7.60 3.95 7.76
N THR A 133 -7.05 2.93 7.10
CA THR A 133 -6.65 3.02 5.69
C THR A 133 -7.02 1.73 4.96
N ASP A 134 -6.90 1.77 3.63
CA ASP A 134 -7.17 0.58 2.83
C ASP A 134 -6.61 -0.72 3.45
N LYS A 135 -5.37 -0.72 3.92
CA LYS A 135 -4.82 -1.95 4.48
C LYS A 135 -5.71 -2.55 5.57
N ASP A 136 -6.40 -1.71 6.34
CA ASP A 136 -7.34 -2.19 7.37
C ASP A 136 -8.64 -2.78 6.81
N VAL A 137 -9.10 -2.22 5.69
CA VAL A 137 -10.26 -2.75 4.98
C VAL A 137 -9.94 -4.14 4.37
N TYR A 138 -8.77 -4.28 3.75
CA TYR A 138 -8.37 -5.52 3.12
C TYR A 138 -8.20 -6.66 4.12
N GLU A 139 -8.04 -6.34 5.41
CA GLU A 139 -7.88 -7.38 6.40
C GLU A 139 -9.21 -8.04 6.72
N GLU A 140 -10.27 -7.23 6.75
CA GLU A 140 -11.61 -7.72 7.07
C GLU A 140 -12.13 -8.63 5.95
N LEU A 141 -11.84 -8.25 4.71
CA LEU A 141 -12.33 -8.94 3.54
C LEU A 141 -11.48 -10.16 3.17
N PHE A 142 -10.25 -10.23 3.66
CA PHE A 142 -9.34 -11.31 3.24
C PHE A 142 -8.41 -11.84 4.32
N GLY A 143 -8.79 -11.71 5.59
CA GLY A 143 -7.98 -12.20 6.68
C GLY A 143 -6.50 -11.93 6.48
N ALA B 8 -22.88 1.74 -7.51
CA ALA B 8 -22.55 3.03 -6.93
C ALA B 8 -22.29 2.92 -5.43
N ASN B 9 -22.79 1.85 -4.80
CA ASN B 9 -22.49 1.60 -3.40
C ASN B 9 -21.61 0.36 -3.20
N PHE B 10 -21.04 0.23 -2.01
CA PHE B 10 -20.13 -0.87 -1.69
C PHE B 10 -20.69 -2.27 -1.97
N GLN B 12 -23.04 -3.25 -3.83
CA GLN B 12 -23.23 -3.44 -5.26
C GLN B 12 -21.89 -3.65 -5.96
N ARG B 13 -20.87 -2.95 -5.47
CA ARG B 13 -19.53 -3.09 -6.01
C ARG B 13 -18.90 -4.44 -5.64
N ALA B 14 -19.22 -4.94 -4.45
CA ALA B 14 -18.72 -6.25 -4.02
C ALA B 14 -19.40 -7.40 -4.76
N PHE B 15 -20.71 -7.30 -4.92
CA PHE B 15 -21.44 -8.28 -5.72
C PHE B 15 -20.78 -8.44 -7.09
N GLU B 16 -20.60 -7.31 -7.80
CA GLU B 16 -20.04 -7.33 -9.15
C GLU B 16 -18.66 -7.98 -9.19
N ASN B 18 -17.39 -10.01 -7.20
CA ASN B 18 -17.41 -11.40 -6.83
C ASN B 18 -17.51 -12.30 -8.06
N ASP B 19 -18.11 -11.78 -9.12
CA ASP B 19 -18.37 -12.54 -10.34
C ASP B 19 -17.31 -12.30 -11.42
N LYS B 20 -16.40 -11.37 -11.16
CA LYS B 20 -15.37 -10.99 -12.10
C LYS B 20 -14.16 -11.91 -12.00
N VAL B 21 -13.40 -11.94 -13.08
CA VAL B 21 -12.29 -12.86 -13.27
C VAL B 21 -10.94 -12.12 -13.21
N ALA B 22 -9.85 -12.85 -13.02
CA ALA B 22 -8.53 -12.24 -12.89
C ALA B 22 -8.20 -11.17 -13.95
N SER B 23 -8.70 -11.34 -15.16
CA SER B 23 -8.37 -10.44 -16.27
C SER B 23 -9.22 -9.16 -16.31
N ASP B 24 -10.40 -9.21 -15.71
CA ASP B 24 -11.22 -8.02 -15.63
C ASP B 24 -10.57 -6.94 -14.77
N VAL B 25 -9.69 -7.36 -13.87
CA VAL B 25 -9.26 -6.47 -12.81
C VAL B 25 -7.76 -6.16 -12.80
N VAL B 27 -3.70 -5.29 -13.83
CA VAL B 27 -2.94 -4.30 -14.57
C VAL B 27 -2.28 -5.10 -15.71
N ASP B 28 -2.61 -4.76 -16.95
CA ASP B 28 -2.21 -5.58 -18.08
C ASP B 28 -0.74 -5.36 -18.40
N ARG B 29 -0.14 -6.34 -19.09
CA ARG B 29 1.28 -6.33 -19.35
C ARG B 29 1.78 -4.99 -19.88
N THR B 30 0.97 -4.31 -20.70
CA THR B 30 1.47 -3.11 -21.41
C THR B 30 1.69 -1.97 -20.44
N SER B 31 1.02 -2.05 -19.29
CA SER B 31 1.06 -1.00 -18.30
C SER B 31 1.99 -1.35 -17.15
N SER B 33 5.17 -2.12 -14.83
CA SER B 33 6.54 -1.65 -14.76
C SER B 33 7.37 -2.73 -14.10
N VAL B 34 8.50 -3.07 -14.73
CA VAL B 34 9.32 -4.15 -14.23
C VAL B 34 10.72 -3.66 -13.91
N VAL B 35 11.41 -4.40 -13.05
CA VAL B 35 12.86 -4.31 -12.93
C VAL B 35 13.42 -5.69 -13.29
N ASP B 36 14.68 -5.74 -13.72
CA ASP B 36 15.34 -7.01 -14.07
C ASP B 36 16.17 -7.58 -12.92
N VAL B 37 16.29 -8.91 -12.87
CA VAL B 37 17.00 -9.61 -11.79
C VAL B 37 18.50 -9.26 -11.69
N ASP B 38 19.05 -8.69 -12.76
CA ASP B 38 20.46 -8.32 -12.82
C ASP B 38 20.64 -6.81 -12.76
N GLU B 39 19.58 -6.10 -12.45
CA GLU B 39 19.71 -4.66 -12.24
C GLU B 39 20.14 -4.42 -10.82
N THR B 40 20.76 -3.28 -10.58
CA THR B 40 21.24 -2.94 -9.25
C THR B 40 20.13 -2.30 -8.42
N ILE B 41 20.28 -2.36 -7.10
CA ILE B 41 19.43 -1.61 -6.20
C ILE B 41 19.38 -0.16 -6.62
N ALA B 42 20.53 0.41 -6.95
CA ALA B 42 20.61 1.82 -7.35
C ALA B 42 19.61 2.12 -8.46
N ASP B 43 19.58 1.25 -9.46
CA ASP B 43 18.60 1.30 -10.55
C ASP B 43 17.19 1.26 -10.03
N ALA B 44 16.94 0.32 -9.14
CA ALA B 44 15.60 0.07 -8.65
C ALA B 44 15.08 1.29 -7.86
N LEU B 45 15.95 1.90 -7.05
CA LEU B 45 15.63 3.10 -6.30
C LEU B 45 15.24 4.23 -7.25
N LEU B 46 16.02 4.42 -8.31
CA LEU B 46 15.70 5.48 -9.27
C LEU B 46 14.35 5.27 -9.93
N LEU B 47 14.02 4.01 -10.22
CA LEU B 47 12.71 3.67 -10.76
C LEU B 47 11.58 3.99 -9.78
N TYR B 48 11.74 3.51 -8.54
CA TYR B 48 10.74 3.76 -7.51
C TYR B 48 10.48 5.27 -7.39
N LEU B 49 11.57 6.04 -7.38
CA LEU B 49 11.50 7.48 -7.18
C LEU B 49 10.74 8.13 -8.33
N GLU B 50 10.83 7.51 -9.50
CA GLU B 50 10.22 8.07 -10.68
C GLU B 50 8.76 7.64 -10.84
N GLU B 51 8.43 6.45 -10.36
CA GLU B 51 7.15 5.82 -10.69
C GLU B 51 6.30 5.50 -9.47
N GLN B 52 6.95 5.39 -8.31
CA GLN B 52 6.22 5.45 -7.06
C GLN B 52 5.54 4.15 -6.62
N TYR B 53 5.38 3.17 -7.51
CA TYR B 53 4.78 1.90 -7.09
C TYR B 53 5.58 1.30 -5.93
N SER B 54 4.91 0.57 -5.04
CA SER B 54 5.61 -0.02 -3.91
C SER B 54 6.18 -1.42 -4.20
N ARG B 55 5.72 -2.02 -5.29
CA ARG B 55 6.22 -3.35 -5.72
C ARG B 55 6.39 -3.42 -7.22
N PHE B 56 7.52 -3.95 -7.65
CA PHE B 56 7.80 -4.15 -9.06
C PHE B 56 8.01 -5.63 -9.32
N PRO B 57 7.34 -6.14 -10.38
CA PRO B 57 7.65 -7.47 -10.91
C PRO B 57 9.09 -7.47 -11.35
N VAL B 58 9.83 -8.51 -10.96
CA VAL B 58 11.20 -8.67 -11.41
CA VAL B 58 11.20 -8.70 -11.38
C VAL B 58 11.25 -9.68 -12.56
N THR B 59 11.80 -9.25 -13.70
CA THR B 59 11.90 -10.13 -14.87
C THR B 59 13.18 -10.97 -14.86
N ALA B 60 13.15 -12.04 -15.64
CA ALA B 60 14.39 -12.74 -16.00
C ALA B 60 14.77 -12.32 -17.40
N ASP B 61 16.07 -12.22 -17.68
CA ASP B 61 16.53 -11.95 -19.04
C ASP B 61 15.86 -10.73 -19.68
N ASN B 62 15.40 -9.79 -18.87
CA ASN B 62 14.73 -8.58 -19.35
C ASN B 62 13.48 -8.91 -20.15
N ASP B 63 12.84 -10.00 -19.78
CA ASP B 63 11.69 -10.48 -20.52
C ASP B 63 10.46 -10.25 -19.65
N LYS B 64 9.49 -9.48 -20.12
CA LYS B 64 8.25 -9.31 -19.34
C LYS B 64 7.49 -10.63 -19.20
N ASP B 65 7.75 -11.59 -20.08
CA ASP B 65 7.01 -12.84 -20.02
C ASP B 65 7.65 -13.84 -19.04
N LYS B 66 8.78 -13.45 -18.46
CA LYS B 66 9.43 -14.28 -17.44
C LYS B 66 9.55 -13.55 -16.08
N ILE B 67 8.42 -13.39 -15.39
CA ILE B 67 8.40 -12.77 -14.06
C ILE B 67 8.76 -13.81 -12.99
N ILE B 68 9.80 -13.56 -12.22
CA ILE B 68 10.26 -14.55 -11.26
C ILE B 68 10.06 -14.13 -9.79
N GLY B 69 9.47 -12.95 -9.59
CA GLY B 69 9.22 -12.44 -8.25
C GLY B 69 9.00 -10.93 -8.24
N TYR B 70 8.96 -10.33 -7.06
CA TYR B 70 8.80 -8.89 -7.04
C TYR B 70 9.83 -8.22 -6.14
N ALA B 71 9.99 -6.92 -6.34
CA ALA B 71 10.87 -6.13 -5.48
C ALA B 71 10.06 -5.08 -4.68
N TYR B 72 10.21 -5.13 -3.36
CA TYR B 72 9.46 -4.25 -2.45
C TYR B 72 10.21 -2.93 -2.25
N ASN B 73 9.54 -1.79 -2.42
CA ASN B 73 10.20 -0.49 -2.22
C ASN B 73 10.98 -0.35 -0.89
N TYR B 74 10.42 -0.87 0.19
CA TYR B 74 11.09 -0.85 1.49
C TYR B 74 12.46 -1.52 1.47
N ASP B 75 12.54 -2.67 0.78
CA ASP B 75 13.79 -3.42 0.67
C ASP B 75 14.79 -2.63 -0.17
N ILE B 76 14.27 -1.97 -1.20
CA ILE B 76 15.09 -1.17 -2.09
C ILE B 76 15.67 0.04 -1.37
N VAL B 77 14.84 0.86 -0.74
CA VAL B 77 15.40 2.01 -0.06
C VAL B 77 16.30 1.55 1.10
N ARG B 78 15.88 0.52 1.82
CA ARG B 78 16.74 0.07 2.91
C ARG B 78 18.11 -0.40 2.43
N GLN B 79 18.13 -1.18 1.34
CA GLN B 79 19.39 -1.75 0.86
C GLN B 79 20.28 -0.71 0.16
N ALA B 80 19.66 0.22 -0.57
CA ALA B 80 20.37 1.31 -1.22
C ALA B 80 21.35 2.01 -0.29
N ARG B 81 21.05 2.02 1.01
CA ARG B 81 21.88 2.73 1.99
C ARG B 81 23.08 1.89 2.38
N ILE B 82 22.98 0.60 2.17
CA ILE B 82 24.02 -0.33 2.59
C ILE B 82 24.98 -0.65 1.44
N ASP B 83 24.42 -0.98 0.29
CA ASP B 83 25.23 -1.27 -0.90
C ASP B 83 24.32 -1.30 -2.11
N ASP B 84 24.12 -0.15 -2.75
CA ASP B 84 23.20 -0.01 -3.87
C ASP B 84 23.78 -0.60 -5.15
N LYS B 85 24.95 -1.23 -5.05
CA LYS B 85 25.51 -1.95 -6.19
C LYS B 85 25.04 -3.41 -6.21
N ALA B 86 24.56 -3.88 -5.06
CA ALA B 86 23.85 -5.15 -4.97
C ALA B 86 22.77 -5.28 -6.06
N LYS B 87 22.52 -6.53 -6.46
CA LYS B 87 21.60 -6.88 -7.54
C LYS B 87 20.22 -7.19 -6.98
N ILE B 88 19.19 -6.85 -7.75
CA ILE B 88 17.81 -7.12 -7.35
C ILE B 88 17.59 -8.54 -6.83
N SER B 89 18.30 -9.52 -7.38
CA SER B 89 18.13 -10.88 -6.90
C SER B 89 18.44 -11.00 -5.41
N THR B 90 19.29 -10.13 -4.89
CA THR B 90 19.60 -10.24 -3.47
C THR B 90 18.39 -9.90 -2.58
N ILE B 91 17.41 -9.16 -3.10
CA ILE B 91 16.20 -8.81 -2.32
C ILE B 91 14.88 -9.32 -2.89
N ARG B 93 11.55 -11.29 -3.85
CA ARG B 93 10.69 -12.19 -3.07
C ARG B 93 9.63 -12.84 -3.96
N ASP B 94 8.98 -13.88 -3.42
CA ASP B 94 8.11 -14.78 -4.20
C ASP B 94 6.78 -14.20 -4.71
N ILE B 95 6.34 -14.74 -5.84
CA ILE B 95 5.10 -14.35 -6.48
C ILE B 95 4.15 -15.56 -6.51
N VAL B 96 2.95 -15.38 -7.07
CA VAL B 96 2.17 -16.51 -7.52
C VAL B 96 1.51 -16.20 -8.84
N SER B 97 1.22 -17.24 -9.60
CA SER B 97 0.69 -17.08 -10.92
C SER B 97 -0.67 -17.76 -11.01
N VAL B 98 -1.57 -17.10 -11.72
CA VAL B 98 -2.94 -17.54 -11.81
C VAL B 98 -3.36 -17.45 -13.27
N PRO B 99 -4.33 -18.29 -13.68
CA PRO B 99 -4.87 -18.21 -15.04
C PRO B 99 -5.81 -17.02 -15.22
N GLU B 100 -5.92 -16.52 -16.45
CA GLU B 100 -6.75 -15.36 -16.76
C GLU B 100 -8.19 -15.50 -16.28
N ASN B 101 -8.71 -16.72 -16.33
CA ASN B 101 -10.12 -16.93 -16.05
C ASN B 101 -10.40 -17.35 -14.61
N LYS B 103 -11.58 -16.69 -10.95
CA LYS B 103 -12.46 -15.73 -10.29
C LYS B 103 -11.71 -14.95 -9.20
N VAL B 104 -11.97 -13.65 -9.15
CA VAL B 104 -11.24 -12.72 -8.28
C VAL B 104 -11.10 -13.17 -6.80
N PRO B 105 -12.19 -13.58 -6.16
CA PRO B 105 -12.03 -14.04 -4.77
C PRO B 105 -11.07 -15.22 -4.63
N ASP B 106 -11.02 -16.09 -5.64
CA ASP B 106 -10.20 -17.30 -5.62
C ASP B 106 -8.72 -16.99 -5.70
N VAL B 107 -8.39 -15.90 -6.37
CA VAL B 107 -6.99 -15.50 -6.46
C VAL B 107 -6.48 -14.90 -5.14
N GLU B 109 -7.17 -15.74 -2.58
CA GLU B 109 -7.08 -16.88 -1.69
C GLU B 109 -5.77 -17.59 -1.94
N GLU B 110 -5.43 -17.72 -3.22
CA GLU B 110 -4.14 -18.22 -3.62
C GLU B 110 -3.04 -17.31 -3.04
N SER B 112 -3.19 -15.38 -0.50
CA SER B 112 -3.15 -15.63 0.93
C SER B 112 -2.46 -16.96 1.25
N ALA B 113 -2.83 -18.01 0.54
CA ALA B 113 -2.28 -19.34 0.82
C ALA B 113 -0.76 -19.31 0.73
N HIS B 114 -0.26 -18.65 -0.32
CA HIS B 114 1.17 -18.63 -0.62
C HIS B 114 1.86 -17.41 -0.01
N ARG B 115 1.13 -16.71 0.84
CA ARG B 115 1.63 -15.52 1.54
C ARG B 115 2.36 -14.55 0.60
N VAL B 116 1.75 -14.18 -0.52
CA VAL B 116 2.34 -13.16 -1.38
C VAL B 116 1.36 -12.01 -1.62
N PRO B 117 1.89 -10.81 -1.88
CA PRO B 117 1.05 -9.64 -2.15
C PRO B 117 0.85 -9.42 -3.64
N ALA B 119 -0.01 -11.43 -7.53
CA ALA B 119 -0.22 -12.53 -8.45
C ALA B 119 0.09 -12.08 -9.86
N ILE B 120 0.72 -12.98 -10.62
CA ILE B 120 0.99 -12.73 -12.01
C ILE B 120 -0.07 -13.49 -12.77
N VAL B 121 -0.80 -12.77 -13.61
CA VAL B 121 -1.82 -13.39 -14.42
C VAL B 121 -1.13 -13.94 -15.69
N ILE B 122 -1.29 -15.24 -15.91
CA ILE B 122 -0.59 -15.98 -16.95
C ILE B 122 -1.46 -16.22 -18.17
N ASP B 123 -0.88 -16.23 -19.38
CA ASP B 123 -1.69 -16.67 -20.52
C ASP B 123 -1.52 -18.19 -20.81
N GLU B 124 -2.18 -18.68 -21.85
CA GLU B 124 -2.17 -20.12 -22.12
C GLU B 124 -0.81 -20.66 -22.56
N TYR B 125 0.11 -19.78 -22.96
CA TYR B 125 1.44 -20.20 -23.32
C TYR B 125 2.44 -19.97 -22.20
N GLY B 126 1.97 -19.42 -21.08
CA GLY B 126 2.86 -19.09 -19.99
C GLY B 126 3.47 -17.69 -20.06
N GLY B 127 3.01 -16.87 -21.01
CA GLY B 127 3.41 -15.47 -21.08
C GLY B 127 2.69 -14.66 -20.00
N THR B 128 3.11 -13.42 -19.78
CA THR B 128 2.46 -12.55 -18.78
C THR B 128 1.28 -11.78 -19.38
N SER B 129 0.12 -12.00 -18.79
CA SER B 129 -1.10 -11.29 -19.13
C SER B 129 -1.18 -9.97 -18.36
N GLY B 130 -0.76 -10.00 -17.10
CA GLY B 130 -0.91 -8.86 -16.22
C GLY B 130 -0.66 -9.23 -14.77
N ILE B 131 -0.87 -8.27 -13.85
CA ILE B 131 -0.66 -8.57 -12.44
C ILE B 131 -1.80 -8.07 -11.57
N ILE B 132 -1.94 -8.67 -10.40
CA ILE B 132 -2.92 -8.22 -9.41
C ILE B 132 -2.30 -8.06 -8.03
N THR B 133 -2.58 -6.93 -7.38
CA THR B 133 -2.24 -6.70 -5.96
C THR B 133 -3.44 -6.12 -5.24
N ASP B 134 -3.36 -6.08 -3.92
CA ASP B 134 -4.42 -5.48 -3.12
C ASP B 134 -4.95 -4.21 -3.80
N LYS B 135 -4.06 -3.30 -4.18
CA LYS B 135 -4.46 -2.04 -4.80
C LYS B 135 -5.52 -2.24 -5.89
N ASP B 136 -5.34 -3.23 -6.74
CA ASP B 136 -6.27 -3.47 -7.83
C ASP B 136 -7.64 -3.86 -7.29
N VAL B 137 -7.64 -4.55 -6.15
CA VAL B 137 -8.88 -4.89 -5.47
C VAL B 137 -9.58 -3.63 -4.93
N TYR B 138 -8.86 -2.75 -4.24
CA TYR B 138 -9.44 -1.50 -3.70
C TYR B 138 -10.08 -0.65 -4.80
N GLU B 139 -9.39 -0.50 -5.94
CA GLU B 139 -9.92 0.28 -7.05
C GLU B 139 -11.29 -0.23 -7.39
N GLU B 140 -11.52 -1.50 -7.07
CA GLU B 140 -12.76 -2.18 -7.42
C GLU B 140 -13.88 -1.98 -6.38
N LEU B 141 -13.50 -1.84 -5.11
CA LEU B 141 -14.47 -1.83 -4.03
C LEU B 141 -14.75 -0.45 -3.45
N PHE B 142 -13.88 0.51 -3.77
CA PHE B 142 -13.70 1.79 -3.13
C PHE B 142 -13.82 2.90 -4.15
N GLY B 143 -13.25 2.69 -5.32
CA GLY B 143 -12.76 3.71 -6.23
C GLY B 143 -13.19 3.49 -7.66
#